data_4BQY
#
_entry.id   4BQY
#
_cell.length_a   110.885
_cell.length_b   110.885
_cell.length_c   40.432
_cell.angle_alpha   90.00
_cell.angle_beta   90.00
_cell.angle_gamma   120.00
#
_symmetry.space_group_name_H-M   'P 63'
#
loop_
_entity.id
_entity.type
_entity.pdbx_description
1 polymer 'EGL NINE HOMOLOG 1'
2 non-polymer 'FE (II) ION'
3 non-polymer '(2S)-2-{[(1-chloro-4-hydroxyisoquinolin-3-yl)carbonyl]amino}propanoic acid'
4 water water
#
_entity_poly.entity_id   1
_entity_poly.type   'polypeptide(L)'
_entity_poly.pdbx_seq_one_letter_code
;GSHMASPNGQTKPLPALKLALEYIVPCMNKHGICVVDDFLGKETGQQIGDEVRALHDTGKFTDGQLVSQKSDSSKDIRGD
KITWIEGKEPGCETIGLLMSSMDDLIRHCNGKLGSYKINGRTKAMVACYPGNGTGYVRHVDNPNGDGRCVTCIYYLNKDW
DAKVSGGILRIFPEGKAQFADIEPKFDRLLFFWSDRRNPHEVQPAYATRYAITVWYFDADERARAKVKYLTGEKGVRVEL
NKPSDSVGKDVF
;
_entity_poly.pdbx_strand_id   A
#
# COMPACT_ATOMS: atom_id res chain seq x y z
N LEU A 14 16.16 -7.43 10.34
CA LEU A 14 16.93 -6.22 10.13
C LEU A 14 16.41 -5.06 10.99
N PRO A 15 17.34 -4.37 11.69
CA PRO A 15 16.96 -3.09 12.30
C PRO A 15 16.44 -2.14 11.23
N ALA A 16 15.37 -1.42 11.53
CA ALA A 16 14.77 -0.51 10.56
C ALA A 16 15.80 0.42 9.92
N LEU A 17 16.77 0.90 10.71
CA LEU A 17 17.69 1.89 10.20
C LEU A 17 18.63 1.28 9.17
N LYS A 18 19.02 0.02 9.38
CA LYS A 18 19.89 -0.68 8.44
C LYS A 18 19.18 -0.95 7.12
N LEU A 19 17.92 -1.38 7.21
CA LEU A 19 17.10 -1.60 6.02
C LEU A 19 16.95 -0.27 5.27
N ALA A 20 16.64 0.77 6.02
CA ALA A 20 16.49 2.12 5.45
C ALA A 20 17.74 2.59 4.73
N LEU A 21 18.89 2.58 5.42
CA LEU A 21 20.11 3.11 4.84
C LEU A 21 20.75 2.22 3.78
N GLU A 22 20.74 0.91 3.96
CA GLU A 22 21.44 0.03 3.03
C GLU A 22 20.60 -0.41 1.84
N TYR A 23 19.28 -0.21 1.90
CA TYR A 23 18.40 -0.68 0.83
C TYR A 23 17.34 0.37 0.37
N ILE A 24 16.45 0.77 1.26
CA ILE A 24 15.31 1.62 0.86
CA ILE A 24 15.31 1.62 0.86
C ILE A 24 15.78 2.92 0.22
N VAL A 25 16.70 3.63 0.88
CA VAL A 25 17.14 4.92 0.33
C VAL A 25 17.79 4.77 -1.08
N PRO A 26 18.84 3.93 -1.18
CA PRO A 26 19.48 3.82 -2.50
C PRO A 26 18.54 3.24 -3.56
N CYS A 27 17.69 2.30 -3.16
CA CYS A 27 16.70 1.72 -4.06
C CYS A 27 15.68 2.75 -4.54
N MET A 28 15.13 3.53 -3.63
CA MET A 28 14.14 4.54 -4.02
C MET A 28 14.76 5.57 -4.92
N ASN A 29 15.94 6.04 -4.56
CA ASN A 29 16.52 7.08 -5.39
C ASN A 29 16.92 6.60 -6.79
N LYS A 30 17.22 5.32 -6.94
CA LYS A 30 17.57 4.78 -8.25
C LYS A 30 16.38 4.24 -9.07
N HIS A 31 15.45 3.52 -8.43
CA HIS A 31 14.37 2.83 -9.13
C HIS A 31 12.99 3.39 -8.84
N GLY A 32 12.82 3.97 -7.65
CA GLY A 32 11.55 4.53 -7.23
C GLY A 32 10.48 3.49 -6.92
N ILE A 33 10.91 2.23 -6.86
CA ILE A 33 10.05 1.08 -6.56
C ILE A 33 10.94 0.16 -5.78
N CYS A 34 10.56 -0.19 -4.56
CA CYS A 34 11.39 -1.04 -3.72
C CYS A 34 10.59 -2.08 -2.97
N VAL A 35 11.05 -3.32 -3.06
CA VAL A 35 10.40 -4.44 -2.39
C VAL A 35 11.23 -4.97 -1.20
N VAL A 36 10.62 -5.07 -0.03
CA VAL A 36 11.25 -5.72 1.13
C VAL A 36 10.49 -6.97 1.46
N ASP A 37 11.14 -8.12 1.32
CA ASP A 37 10.49 -9.36 1.70
C ASP A 37 10.74 -9.72 3.17
N ASP A 38 9.82 -10.51 3.72
CA ASP A 38 9.85 -10.94 5.12
C ASP A 38 10.00 -9.78 6.10
N PHE A 39 9.14 -8.77 5.95
CA PHE A 39 9.29 -7.53 6.67
C PHE A 39 9.19 -7.71 8.19
N LEU A 40 8.11 -8.31 8.67
CA LEU A 40 7.81 -8.44 10.09
C LEU A 40 7.96 -9.86 10.64
N GLY A 41 8.08 -10.85 9.75
CA GLY A 41 8.10 -12.25 10.17
C GLY A 41 6.75 -12.93 10.21
N LYS A 42 6.80 -14.27 10.20
CA LYS A 42 5.60 -15.08 10.11
CA LYS A 42 5.61 -15.12 10.12
C LYS A 42 4.60 -14.86 11.23
N GLU A 43 5.05 -14.84 12.47
CA GLU A 43 4.15 -14.71 13.61
C GLU A 43 3.32 -13.43 13.50
N THR A 44 4.04 -12.33 13.34
CA THR A 44 3.43 -11.02 13.31
C THR A 44 2.56 -10.86 12.04
N GLY A 45 3.07 -11.28 10.89
CA GLY A 45 2.29 -11.27 9.66
C GLY A 45 1.00 -12.03 9.79
N GLN A 46 1.07 -13.22 10.37
CA GLN A 46 -0.12 -14.03 10.56
CA GLN A 46 -0.12 -14.03 10.59
C GLN A 46 -1.11 -13.33 11.49
N GLN A 47 -0.55 -12.70 12.52
CA GLN A 47 -1.52 -12.02 13.52
CA GLN A 47 -1.50 -12.02 13.54
C GLN A 47 -2.15 -10.86 12.67
N ILE A 48 -1.43 -10.11 11.85
CA ILE A 48 -2.05 -9.06 10.99
C ILE A 48 -3.14 -9.67 10.09
N GLY A 49 -2.79 -10.76 9.43
CA GLY A 49 -3.75 -11.48 8.62
C GLY A 49 -5.02 -11.80 9.39
N ASP A 50 -4.86 -12.31 10.61
CA ASP A 50 -6.03 -12.63 11.44
C ASP A 50 -6.88 -11.41 11.75
N GLU A 51 -6.22 -10.29 12.06
CA GLU A 51 -6.98 -9.06 12.32
C GLU A 51 -7.75 -8.57 11.09
N VAL A 52 -7.08 -8.62 9.94
CA VAL A 52 -7.76 -8.20 8.68
C VAL A 52 -8.94 -9.11 8.33
N ARG A 53 -8.72 -10.42 8.48
CA ARG A 53 -9.83 -11.35 8.23
C ARG A 53 -10.97 -11.16 9.23
N ALA A 54 -10.65 -10.87 10.50
CA ALA A 54 -11.71 -10.53 11.47
C ALA A 54 -12.51 -9.30 11.06
N LEU A 55 -11.80 -8.25 10.63
CA LEU A 55 -12.50 -7.10 10.08
C LEU A 55 -13.43 -7.50 8.96
N HIS A 56 -12.94 -8.34 8.04
CA HIS A 56 -13.78 -8.79 6.93
C HIS A 56 -15.03 -9.54 7.40
N ASP A 57 -14.80 -10.52 8.27
CA ASP A 57 -15.86 -11.43 8.70
C ASP A 57 -16.89 -10.72 9.57
N THR A 58 -16.53 -9.58 10.14
CA THR A 58 -17.45 -8.81 11.00
C THR A 58 -18.06 -7.62 10.28
N GLY A 59 -17.86 -7.55 8.97
CA GLY A 59 -18.57 -6.60 8.15
C GLY A 59 -18.02 -5.17 8.18
N LYS A 60 -16.74 -4.98 8.44
CA LYS A 60 -16.18 -3.63 8.55
C LYS A 60 -15.68 -3.04 7.23
N PHE A 61 -15.62 -3.86 6.19
CA PHE A 61 -15.24 -3.38 4.86
C PHE A 61 -16.47 -2.88 4.16
N THR A 62 -16.23 -2.01 3.18
CA THR A 62 -17.30 -1.63 2.25
C THR A 62 -17.66 -2.82 1.37
N ASP A 63 -18.74 -2.70 0.60
CA ASP A 63 -19.21 -3.79 -0.24
C ASP A 63 -18.37 -4.00 -1.49
N GLY A 64 -17.60 -2.98 -1.89
CA GLY A 64 -16.73 -3.07 -3.04
C GLY A 64 -16.99 -2.06 -4.15
N GLN A 65 -15.94 -1.68 -4.86
CA GLN A 65 -16.01 -0.66 -5.89
C GLN A 65 -16.99 -1.16 -6.94
N LEU A 66 -17.94 -0.31 -7.33
CA LEU A 66 -18.89 -0.72 -8.36
C LEU A 66 -18.19 -0.81 -9.69
N VAL A 67 -18.11 -2.03 -10.24
CA VAL A 67 -17.35 -2.25 -11.46
C VAL A 67 -18.27 -2.26 -12.64
N SER A 68 -19.32 -3.07 -12.54
CA SER A 68 -20.29 -3.14 -13.60
C SER A 68 -21.66 -2.89 -13.01
N GLN A 69 -22.26 -1.79 -13.44
CA GLN A 69 -23.58 -1.38 -12.96
C GLN A 69 -24.60 -1.72 -14.03
N LYS A 70 -25.26 -2.84 -13.86
CA LYS A 70 -26.18 -3.36 -14.86
C LYS A 70 -27.62 -2.88 -14.63
N SER A 71 -28.48 -3.09 -15.64
CA SER A 71 -29.86 -2.60 -15.59
C SER A 71 -30.54 -3.20 -14.37
N ASP A 72 -30.28 -4.49 -14.16
CA ASP A 72 -30.67 -5.19 -12.96
C ASP A 72 -29.52 -5.11 -11.93
N SER A 73 -29.85 -4.59 -10.75
CA SER A 73 -28.88 -4.35 -9.67
C SER A 73 -28.50 -5.62 -8.89
N SER A 74 -29.23 -6.72 -9.10
CA SER A 74 -29.02 -7.94 -8.31
C SER A 74 -27.70 -8.63 -8.67
N LYS A 75 -27.26 -8.43 -9.91
CA LYS A 75 -26.01 -8.99 -10.38
C LYS A 75 -25.00 -7.89 -10.73
N ASP A 76 -25.13 -6.73 -10.10
CA ASP A 76 -24.08 -5.71 -10.15
C ASP A 76 -22.77 -6.41 -9.75
N ILE A 77 -21.66 -6.01 -10.36
CA ILE A 77 -20.36 -6.58 -9.98
C ILE A 77 -19.59 -5.53 -9.18
N ARG A 78 -19.17 -5.91 -7.97
CA ARG A 78 -18.33 -5.06 -7.13
C ARG A 78 -16.95 -5.66 -6.96
N GLY A 79 -15.95 -4.79 -6.82
CA GLY A 79 -14.56 -5.18 -6.76
C GLY A 79 -13.96 -4.91 -5.39
N ASP A 80 -12.85 -4.20 -5.38
CA ASP A 80 -12.10 -3.97 -4.14
C ASP A 80 -12.96 -3.36 -3.05
N LYS A 81 -12.86 -3.95 -1.86
CA LYS A 81 -13.50 -3.49 -0.65
C LYS A 81 -12.46 -2.82 0.25
N ILE A 82 -12.83 -1.74 0.95
CA ILE A 82 -11.85 -1.07 1.80
C ILE A 82 -12.36 -0.80 3.20
N THR A 83 -11.41 -0.63 4.12
CA THR A 83 -11.74 -0.03 5.41
C THR A 83 -10.53 0.78 5.89
N TRP A 84 -10.80 1.94 6.51
CA TRP A 84 -9.74 2.86 6.96
C TRP A 84 -9.47 2.54 8.41
N ILE A 85 -8.21 2.36 8.77
CA ILE A 85 -7.81 1.93 10.11
C ILE A 85 -6.77 2.88 10.68
N GLU A 86 -7.07 3.39 11.89
CA GLU A 86 -6.17 4.29 12.60
C GLU A 86 -5.03 3.57 13.29
N GLY A 87 -5.26 2.35 13.77
CA GLY A 87 -4.23 1.49 14.30
C GLY A 87 -4.34 1.26 15.80
N LYS A 88 -5.27 1.96 16.45
CA LYS A 88 -5.48 1.81 17.90
C LYS A 88 -6.80 1.11 18.25
N GLU A 89 -7.59 0.77 17.23
CA GLU A 89 -8.89 0.18 17.45
C GLU A 89 -8.72 -1.20 18.05
N PRO A 90 -9.71 -1.61 18.87
CA PRO A 90 -9.69 -2.98 19.39
C PRO A 90 -9.66 -3.94 18.22
N GLY A 91 -8.81 -4.94 18.28
CA GLY A 91 -8.74 -5.95 17.24
C GLY A 91 -7.84 -5.52 16.09
N CYS A 92 -7.27 -4.30 16.16
CA CYS A 92 -6.39 -3.80 15.10
C CYS A 92 -5.00 -3.38 15.59
N GLU A 93 -4.55 -3.90 16.71
CA GLU A 93 -3.30 -3.42 17.31
C GLU A 93 -2.04 -3.90 16.59
N THR A 94 -2.10 -5.05 15.96
CA THR A 94 -0.98 -5.52 15.19
C THR A 94 -0.91 -4.72 13.88
N ILE A 95 -2.07 -4.34 13.35
CA ILE A 95 -2.09 -3.40 12.23
C ILE A 95 -1.44 -2.09 12.64
N GLY A 96 -1.82 -1.59 13.82
CA GLY A 96 -1.17 -0.40 14.37
C GLY A 96 0.33 -0.58 14.49
N LEU A 97 0.75 -1.75 14.94
CA LEU A 97 2.17 -2.06 14.99
C LEU A 97 2.88 -2.06 13.62
N LEU A 98 2.20 -2.59 12.60
CA LEU A 98 2.71 -2.51 11.23
C LEU A 98 2.89 -1.04 10.84
N MET A 99 1.88 -0.24 11.14
CA MET A 99 1.93 1.18 10.76
C MET A 99 3.10 1.87 11.44
N SER A 100 3.26 1.58 12.73
CA SER A 100 4.39 2.15 13.45
C SER A 100 5.71 1.73 12.84
N SER A 101 5.81 0.47 12.40
CA SER A 101 7.03 -0.02 11.75
C SER A 101 7.33 0.65 10.40
N MET A 102 6.26 0.85 9.64
CA MET A 102 6.36 1.65 8.43
C MET A 102 6.90 3.06 8.74
N ASP A 103 6.28 3.69 9.75
CA ASP A 103 6.65 5.04 10.15
C ASP A 103 8.11 5.09 10.57
N ASP A 104 8.53 4.11 11.36
CA ASP A 104 9.93 4.07 11.80
C ASP A 104 10.86 4.00 10.60
N LEU A 105 10.54 3.14 9.62
CA LEU A 105 11.34 3.09 8.40
CA LEU A 105 11.33 3.07 8.40
C LEU A 105 11.40 4.43 7.69
N ILE A 106 10.25 5.09 7.51
CA ILE A 106 10.25 6.37 6.85
C ILE A 106 11.08 7.41 7.64
N ARG A 107 10.95 7.37 8.94
CA ARG A 107 11.70 8.26 9.82
CA ARG A 107 11.70 8.26 9.82
C ARG A 107 13.19 8.15 9.54
N HIS A 108 13.68 6.93 9.43
CA HIS A 108 15.11 6.72 9.22
C HIS A 108 15.55 7.12 7.86
N CYS A 109 14.59 7.35 6.98
CA CYS A 109 14.83 7.72 5.58
CA CYS A 109 14.82 7.68 5.60
C CYS A 109 14.70 9.21 5.36
N ASN A 110 14.24 9.95 6.37
CA ASN A 110 13.93 11.35 6.12
CA ASN A 110 13.97 11.40 6.22
C ASN A 110 15.16 12.17 5.72
N GLY A 111 14.94 13.01 4.71
CA GLY A 111 15.98 13.85 4.17
C GLY A 111 16.78 13.14 3.11
N LYS A 112 16.44 11.87 2.86
CA LYS A 112 17.19 11.04 1.91
C LYS A 112 16.33 10.48 0.78
N LEU A 113 15.00 10.62 0.88
CA LEU A 113 14.10 10.19 -0.21
C LEU A 113 13.89 11.39 -1.12
N GLY A 114 14.58 11.42 -2.25
CA GLY A 114 14.60 12.62 -3.06
C GLY A 114 14.98 13.84 -2.23
N SER A 115 14.34 14.97 -2.50
CA SER A 115 14.47 16.15 -1.63
C SER A 115 13.21 16.33 -0.79
N TYR A 116 12.37 15.30 -0.71
CA TYR A 116 11.15 15.40 0.06
C TYR A 116 11.44 15.49 1.54
N LYS A 117 10.50 16.08 2.24
CA LYS A 117 10.48 16.10 3.69
CA LYS A 117 10.49 16.12 3.68
C LYS A 117 9.14 15.59 4.16
N ILE A 118 9.12 14.35 4.58
CA ILE A 118 7.89 13.72 4.98
C ILE A 118 7.48 14.14 6.38
N ASN A 119 6.27 14.67 6.53
CA ASN A 119 5.79 15.19 7.81
C ASN A 119 4.43 14.63 8.26
N GLY A 120 3.92 13.60 7.59
CA GLY A 120 2.66 13.04 7.98
C GLY A 120 2.29 11.92 7.03
N ARG A 121 1.17 11.26 7.33
CA ARG A 121 0.67 10.19 6.46
C ARG A 121 -0.83 10.07 6.63
N THR A 122 -1.46 9.32 5.75
CA THR A 122 -2.85 8.94 5.89
C THR A 122 -2.98 7.86 6.96
N LYS A 123 -4.22 7.58 7.36
CA LYS A 123 -4.55 6.35 8.06
C LYS A 123 -4.31 5.18 7.11
N ALA A 124 -4.43 3.95 7.61
CA ALA A 124 -4.17 2.77 6.77
C ALA A 124 -5.43 2.43 6.00
N MET A 125 -5.24 2.18 4.71
CA MET A 125 -6.35 1.72 3.90
C MET A 125 -6.14 0.21 3.67
N VAL A 126 -6.99 -0.56 4.33
CA VAL A 126 -6.96 -2.01 4.17
C VAL A 126 -7.90 -2.33 2.99
N ALA A 127 -7.36 -3.06 1.99
CA ALA A 127 -8.10 -3.41 0.78
C ALA A 127 -8.21 -4.93 0.66
N CYS A 128 -9.41 -5.36 0.26
CA CYS A 128 -9.70 -6.77 -0.04
C CYS A 128 -10.26 -6.87 -1.46
N TYR A 129 -9.51 -7.52 -2.34
CA TYR A 129 -10.03 -7.93 -3.64
C TYR A 129 -10.65 -9.31 -3.39
N PRO A 130 -11.97 -9.43 -3.59
CA PRO A 130 -12.72 -10.58 -3.03
C PRO A 130 -12.50 -11.92 -3.77
N GLY A 131 -11.86 -11.88 -4.93
CA GLY A 131 -11.48 -13.09 -5.65
C GLY A 131 -12.47 -13.39 -6.78
N ASN A 132 -13.23 -12.38 -7.19
CA ASN A 132 -14.28 -12.57 -8.21
C ASN A 132 -13.87 -12.06 -9.57
N GLY A 133 -12.57 -12.10 -9.83
CA GLY A 133 -12.04 -11.69 -11.11
C GLY A 133 -11.94 -10.19 -11.32
N THR A 134 -12.12 -9.42 -10.26
CA THR A 134 -11.96 -7.98 -10.33
C THR A 134 -10.51 -7.63 -9.99
N GLY A 135 -10.06 -6.51 -10.51
CA GLY A 135 -8.75 -5.95 -10.19
C GLY A 135 -8.94 -4.44 -9.99
N TYR A 136 -7.94 -3.67 -10.41
CA TYR A 136 -7.96 -2.22 -10.32
C TYR A 136 -7.31 -1.64 -11.56
N VAL A 137 -8.05 -0.78 -12.25
CA VAL A 137 -7.61 -0.19 -13.50
C VAL A 137 -6.29 0.59 -13.41
N ARG A 138 -5.60 0.74 -14.52
CA ARG A 138 -4.38 1.56 -14.53
C ARG A 138 -4.68 2.96 -14.01
N HIS A 139 -3.83 3.41 -13.08
CA HIS A 139 -4.00 4.70 -12.45
C HIS A 139 -2.66 5.17 -11.85
N VAL A 140 -2.66 6.45 -11.51
CA VAL A 140 -1.63 7.07 -10.70
C VAL A 140 -2.28 7.43 -9.37
N ASP A 141 -1.60 7.14 -8.28
CA ASP A 141 -2.15 7.36 -6.97
C ASP A 141 -2.39 8.85 -6.73
N ASN A 142 -1.38 9.69 -7.02
CA ASN A 142 -1.49 11.16 -6.81
C ASN A 142 -1.05 11.85 -8.09
N PRO A 143 -1.98 12.05 -9.02
CA PRO A 143 -1.67 12.70 -10.29
C PRO A 143 -1.74 14.24 -10.26
N ASN A 144 -2.38 14.81 -9.24
CA ASN A 144 -2.67 16.24 -9.23
C ASN A 144 -2.07 17.02 -8.06
N GLY A 145 -0.97 16.56 -7.48
CA GLY A 145 -0.30 17.33 -6.45
C GLY A 145 -0.99 17.43 -5.10
N ASP A 146 -1.55 16.33 -4.60
CA ASP A 146 -2.29 16.40 -3.36
C ASP A 146 -1.47 16.27 -2.09
N GLY A 147 -0.15 16.16 -2.25
CA GLY A 147 0.74 16.04 -1.11
C GLY A 147 1.40 14.69 -0.94
N ARG A 148 0.80 13.65 -1.52
CA ARG A 148 1.30 12.29 -1.27
C ARG A 148 2.50 11.98 -2.14
N CYS A 149 3.65 11.64 -1.52
CA CYS A 149 4.87 11.40 -2.30
C CYS A 149 5.30 9.93 -2.34
N VAL A 150 4.96 9.17 -1.31
CA VAL A 150 5.31 7.75 -1.22
C VAL A 150 4.13 6.91 -0.83
N THR A 151 3.92 5.87 -1.64
CA THR A 151 3.00 4.78 -1.36
C THR A 151 3.75 3.63 -0.72
N CYS A 152 3.20 3.18 0.40
CA CYS A 152 3.73 2.06 1.13
CA CYS A 152 3.72 2.09 1.21
C CYS A 152 2.62 1.03 1.34
N ILE A 153 2.86 -0.17 0.82
CA ILE A 153 1.84 -1.21 0.87
CA ILE A 153 1.85 -1.26 0.77
C ILE A 153 2.45 -2.50 1.42
N TYR A 154 1.68 -3.15 2.29
CA TYR A 154 2.05 -4.43 2.93
C TYR A 154 1.05 -5.50 2.52
N TYR A 155 1.58 -6.59 1.99
CA TYR A 155 0.75 -7.71 1.52
C TYR A 155 0.69 -8.86 2.54
N LEU A 156 -0.44 -9.56 2.56
CA LEU A 156 -0.80 -10.51 3.62
CA LEU A 156 -0.71 -10.56 3.61
C LEU A 156 -1.17 -11.91 3.10
N ASN A 157 -0.85 -12.22 1.88
CA ASN A 157 -1.45 -13.40 1.25
C ASN A 157 -0.52 -14.60 1.20
N LYS A 158 -0.75 -15.53 2.12
CA LYS A 158 0.08 -16.75 2.22
C LYS A 158 0.00 -17.63 1.00
N ASP A 159 1.16 -18.12 0.58
CA ASP A 159 1.29 -19.05 -0.53
C ASP A 159 0.55 -18.53 -1.75
N TRP A 160 0.71 -17.24 -2.02
CA TRP A 160 -0.01 -16.66 -3.15
C TRP A 160 0.73 -17.06 -4.40
N ASP A 161 -0.02 -17.62 -5.35
CA ASP A 161 0.54 -18.03 -6.63
C ASP A 161 -0.25 -17.38 -7.75
N ALA A 162 0.38 -16.39 -8.37
CA ALA A 162 -0.27 -15.57 -9.37
C ALA A 162 -0.63 -16.31 -10.65
N LYS A 163 0.13 -17.35 -10.97
CA LYS A 163 -0.12 -18.13 -12.16
C LYS A 163 -1.50 -18.69 -12.06
N VAL A 164 -1.90 -18.94 -10.83
CA VAL A 164 -3.17 -19.53 -10.50
C VAL A 164 -4.19 -18.48 -10.09
N SER A 165 -3.81 -17.56 -9.20
CA SER A 165 -4.78 -16.68 -8.53
C SER A 165 -4.83 -15.26 -9.07
N GLY A 166 -3.95 -14.95 -10.02
CA GLY A 166 -3.89 -13.63 -10.63
C GLY A 166 -3.40 -12.60 -9.63
N GLY A 167 -3.97 -11.41 -9.69
CA GLY A 167 -3.74 -10.40 -8.65
C GLY A 167 -2.37 -9.76 -8.65
N ILE A 168 -1.65 -9.87 -9.74
CA ILE A 168 -0.36 -9.19 -9.86
C ILE A 168 -0.51 -7.67 -9.87
N LEU A 169 0.38 -6.99 -9.18
CA LEU A 169 0.55 -5.56 -9.34
C LEU A 169 1.49 -5.35 -10.51
N ARG A 170 1.05 -4.62 -11.51
CA ARG A 170 1.88 -4.26 -12.65
C ARG A 170 2.10 -2.76 -12.65
N ILE A 171 3.38 -2.35 -12.54
CA ILE A 171 3.75 -0.93 -12.55
C ILE A 171 4.49 -0.62 -13.84
N PHE A 172 4.24 0.58 -14.38
CA PHE A 172 4.80 1.01 -15.68
C PHE A 172 5.64 2.26 -15.50
N PRO A 173 6.88 2.14 -14.98
CA PRO A 173 7.53 3.45 -14.88
C PRO A 173 7.63 4.30 -16.14
N GLU A 174 7.82 5.56 -15.81
CA GLU A 174 7.85 6.57 -16.85
CA GLU A 174 7.96 6.65 -16.77
C GLU A 174 9.02 6.38 -17.81
N GLY A 175 8.67 6.50 -19.09
CA GLY A 175 9.65 6.41 -20.16
C GLY A 175 10.44 5.12 -20.26
N LYS A 176 10.02 4.08 -19.53
CA LYS A 176 10.71 2.80 -19.59
C LYS A 176 9.84 1.80 -20.34
N ALA A 177 10.40 1.09 -21.31
CA ALA A 177 9.61 0.14 -22.11
C ALA A 177 8.97 -1.05 -21.35
N GLN A 178 9.68 -1.65 -20.39
CA GLN A 178 9.21 -2.86 -19.69
C GLN A 178 8.56 -2.57 -18.32
N PHE A 179 7.43 -3.21 -18.03
CA PHE A 179 6.70 -2.92 -16.82
C PHE A 179 7.32 -3.86 -15.82
N ALA A 180 6.89 -3.70 -14.58
CA ALA A 180 7.36 -4.55 -13.48
C ALA A 180 6.15 -5.20 -12.85
N ASP A 181 6.23 -6.52 -12.71
CA ASP A 181 5.19 -7.34 -12.11
C ASP A 181 5.62 -7.74 -10.71
N ILE A 182 4.76 -7.46 -9.73
CA ILE A 182 5.03 -7.73 -8.32
C ILE A 182 3.91 -8.57 -7.72
N GLU A 183 4.26 -9.73 -7.17
CA GLU A 183 3.25 -10.59 -6.58
C GLU A 183 2.91 -10.10 -5.17
N PRO A 184 1.63 -10.19 -4.78
CA PRO A 184 1.18 -9.68 -3.48
C PRO A 184 1.44 -10.67 -2.35
N LYS A 185 2.73 -10.96 -2.19
CA LYS A 185 3.17 -12.04 -1.32
C LYS A 185 3.09 -11.72 0.15
N PHE A 186 2.75 -12.72 0.95
CA PHE A 186 2.71 -12.59 2.41
C PHE A 186 3.98 -11.98 2.99
N ASP A 187 3.80 -10.96 3.84
CA ASP A 187 4.88 -10.29 4.54
C ASP A 187 5.83 -9.53 3.63
N ARG A 188 5.33 -9.14 2.45
CA ARG A 188 6.08 -8.27 1.55
C ARG A 188 5.65 -6.81 1.73
N LEU A 189 6.64 -5.93 1.82
CA LEU A 189 6.47 -4.49 1.92
C LEU A 189 6.96 -3.86 0.65
N LEU A 190 6.19 -2.92 0.11
CA LEU A 190 6.56 -2.27 -1.13
C LEU A 190 6.44 -0.76 -0.95
N PHE A 191 7.45 -0.04 -1.45
CA PHE A 191 7.44 1.43 -1.52
C PHE A 191 7.52 1.84 -2.96
N PHE A 192 6.76 2.87 -3.34
CA PHE A 192 6.93 3.47 -4.65
C PHE A 192 6.48 4.92 -4.65
N TRP A 193 7.11 5.73 -5.51
CA TRP A 193 6.67 7.13 -5.63
C TRP A 193 5.22 7.16 -6.08
N SER A 194 4.40 8.01 -5.46
CA SER A 194 2.94 8.05 -5.65
C SER A 194 2.51 8.81 -6.92
N ASP A 195 3.42 9.60 -7.47
CA ASP A 195 3.09 10.51 -8.55
C ASP A 195 3.15 9.82 -9.92
N ARG A 196 3.11 10.62 -10.96
CA ARG A 196 2.99 10.10 -12.31
C ARG A 196 4.18 9.27 -12.77
N ARG A 197 5.24 9.21 -11.97
CA ARG A 197 6.35 8.35 -12.33
C ARG A 197 5.94 6.88 -12.31
N ASN A 198 4.89 6.54 -11.56
CA ASN A 198 4.51 5.15 -11.35
C ASN A 198 3.02 4.82 -11.57
N PRO A 199 2.57 4.90 -12.83
CA PRO A 199 1.27 4.32 -13.17
C PRO A 199 1.27 2.84 -12.84
N HIS A 200 0.15 2.30 -12.37
CA HIS A 200 0.10 0.90 -12.01
C HIS A 200 -1.32 0.40 -12.02
N GLU A 201 -1.45 -0.91 -11.99
CA GLU A 201 -2.74 -1.56 -11.98
C GLU A 201 -2.65 -2.89 -11.22
N VAL A 202 -3.79 -3.36 -10.75
CA VAL A 202 -3.93 -4.68 -10.16
C VAL A 202 -4.68 -5.55 -11.18
N GLN A 203 -3.99 -6.60 -11.64
CA GLN A 203 -4.61 -7.56 -12.56
C GLN A 203 -5.68 -8.36 -11.83
N PRO A 204 -6.68 -8.84 -12.57
CA PRO A 204 -7.78 -9.57 -11.95
C PRO A 204 -7.33 -10.63 -10.94
N ALA A 205 -7.96 -10.62 -9.78
CA ALA A 205 -7.70 -11.57 -8.70
C ALA A 205 -8.82 -12.59 -8.61
N TYR A 206 -8.42 -13.86 -8.53
CA TYR A 206 -9.34 -15.01 -8.47
C TYR A 206 -9.29 -15.74 -7.11
N ALA A 207 -8.60 -15.14 -6.14
CA ALA A 207 -8.65 -15.55 -4.76
C ALA A 207 -8.65 -14.28 -3.91
N THR A 208 -9.10 -14.39 -2.68
CA THR A 208 -9.16 -13.25 -1.75
C THR A 208 -7.77 -12.69 -1.55
N ARG A 209 -7.62 -11.39 -1.78
CA ARG A 209 -6.32 -10.73 -1.80
C ARG A 209 -6.35 -9.50 -0.91
N TYR A 210 -5.53 -9.52 0.14
CA TYR A 210 -5.54 -8.46 1.14
C TYR A 210 -4.22 -7.68 1.05
N ALA A 211 -4.34 -6.38 1.26
CA ALA A 211 -3.19 -5.49 1.37
C ALA A 211 -3.53 -4.29 2.27
N ILE A 212 -2.51 -3.69 2.90
CA ILE A 212 -2.67 -2.51 3.69
C ILE A 212 -1.75 -1.41 3.18
N THR A 213 -2.34 -0.26 2.84
CA THR A 213 -1.61 0.89 2.28
C THR A 213 -1.65 2.09 3.17
N VAL A 214 -0.49 2.73 3.28
CA VAL A 214 -0.41 4.07 3.81
CA VAL A 214 -0.36 4.05 3.86
C VAL A 214 0.31 4.96 2.82
N TRP A 215 -0.12 6.21 2.75
CA TRP A 215 0.54 7.21 1.90
C TRP A 215 1.24 8.26 2.77
N TYR A 216 2.50 8.56 2.44
CA TYR A 216 3.26 9.58 3.17
C TYR A 216 3.25 10.91 2.40
N PHE A 217 3.08 12.00 3.15
CA PHE A 217 2.97 13.34 2.62
C PHE A 217 4.30 14.07 2.66
N ASP A 218 4.61 14.76 1.56
CA ASP A 218 5.71 15.74 1.53
C ASP A 218 5.20 17.05 2.08
N ALA A 219 5.96 17.66 2.98
CA ALA A 219 5.49 18.85 3.67
C ALA A 219 5.17 20.01 2.72
N ASP A 220 6.07 20.29 1.77
CA ASP A 220 5.86 21.43 0.90
C ASP A 220 4.67 21.18 -0.02
N GLU A 221 4.60 20.01 -0.64
CA GLU A 221 3.52 19.73 -1.57
C GLU A 221 2.19 19.77 -0.85
N ARG A 222 2.15 19.24 0.36
CA ARG A 222 0.89 19.23 1.13
C ARG A 222 0.50 20.63 1.59
N ALA A 223 1.48 21.43 2.00
CA ALA A 223 1.17 22.78 2.44
C ALA A 223 0.48 23.60 1.37
N ARG A 224 0.91 23.46 0.12
CA ARG A 224 0.35 24.28 -0.96
C ARG A 224 -0.83 23.56 -1.63
N ALA A 225 -1.02 22.29 -1.33
CA ALA A 225 -2.23 21.62 -1.80
C ALA A 225 -3.41 22.23 -1.08
N LYS A 226 -3.20 22.64 0.17
CA LYS A 226 -4.25 23.24 0.96
C LYS A 226 -4.82 24.44 0.21
N VAL A 227 -3.95 25.29 -0.37
CA VAL A 227 -4.40 26.40 -1.21
C VAL A 227 -5.29 25.91 -2.35
N LYS A 228 -4.70 25.13 -3.25
CA LYS A 228 -5.35 24.71 -4.49
C LYS A 228 -6.61 23.88 -4.30
N TYR A 229 -6.84 23.40 -3.08
CA TYR A 229 -8.04 22.62 -2.80
C TYR A 229 -8.72 23.18 -1.56
N LEU A 230 -9.17 24.42 -1.66
CA LEU A 230 -9.70 25.12 -0.52
C LEU A 230 -11.17 24.79 -0.25
N VAL A 236 -6.73 15.05 7.14
CA VAL A 236 -6.55 13.64 6.77
C VAL A 236 -5.11 13.17 6.89
N ARG A 237 -4.31 13.96 7.63
CA ARG A 237 -2.89 13.69 7.80
C ARG A 237 -2.61 13.54 9.29
N VAL A 238 -1.81 12.54 9.64
CA VAL A 238 -1.47 12.25 11.03
C VAL A 238 0.04 12.15 11.14
N GLU A 239 0.59 12.24 12.35
CA GLU A 239 1.97 12.03 12.62
C GLU A 239 2.84 12.91 11.68
#